data_8PA0
#
_entry.id   8PA0
#
_cell.length_a   94.129
_cell.length_b   94.129
_cell.length_c   51.597
_cell.angle_alpha   90.00
_cell.angle_beta   90.00
_cell.angle_gamma   120.00
#
_symmetry.space_group_name_H-M   'P 32 2 1'
#
loop_
_entity.id
_entity.type
_entity.pdbx_description
1 polymer 'Heat shock protein beta-7'
2 polymer Filamin-C
3 water water
#
loop_
_entity_poly.entity_id
_entity_poly.type
_entity_poly.pdbx_seq_one_letter_code
_entity_poly.pdbx_strand_id
1 'polypeptide(L)'
;GSGNIKTLGDAYEFAVDVRDFSPEDIIVTTSNNHIEVRAEKLAADGTVMNTFAHKSQLPEDVDPTSVTSALREDGSLTIR
ARRHPHT
;
B
2 'polypeptide(L)'
;GSKFSSDASKVVTRGPGLSQAFVGQKNSFTVDCSKAGTNMMMVGVHGPKTPCEEVYVKHMGNRVYNVTYTVKEKGDYILI
VKWGDESVPGSPFKVKVP
;
A
#
# COMPACT_ATOMS: atom_id res chain seq x y z
N ASP A 10 18.77 13.86 -3.83
CA ASP A 10 18.32 13.05 -4.96
C ASP A 10 17.36 11.97 -4.49
N ALA A 11 16.44 11.57 -5.37
CA ALA A 11 15.42 10.57 -5.07
C ALA A 11 15.56 9.38 -6.00
N TYR A 12 14.86 8.30 -5.66
CA TYR A 12 14.86 7.05 -6.42
C TYR A 12 13.47 6.82 -6.97
N GLU A 13 13.37 6.65 -8.29
CA GLU A 13 12.07 6.48 -8.94
C GLU A 13 12.17 5.48 -10.08
N PHE A 14 11.08 4.74 -10.27
CA PHE A 14 10.93 3.81 -11.39
C PHE A 14 9.48 3.87 -11.85
N ALA A 15 9.25 3.41 -13.08
CA ALA A 15 7.95 3.51 -13.72
C ALA A 15 7.31 2.13 -13.88
N VAL A 16 5.98 2.12 -13.81
CA VAL A 16 5.19 0.90 -13.96
C VAL A 16 4.15 1.13 -15.05
N ASP A 17 3.86 0.08 -15.81
CA ASP A 17 2.85 0.14 -16.86
C ASP A 17 1.52 -0.28 -16.28
N VAL A 18 0.63 0.69 -16.04
CA VAL A 18 -0.73 0.42 -15.57
C VAL A 18 -1.72 1.03 -16.56
N ARG A 19 -1.54 0.71 -17.85
CA ARG A 19 -2.31 1.44 -18.85
C ARG A 19 -3.75 0.94 -18.92
N ASP A 20 -3.95 -0.38 -18.88
CA ASP A 20 -5.28 -0.99 -19.00
C ASP A 20 -5.87 -1.33 -17.63
N PHE A 21 -5.76 -0.45 -16.63
CA PHE A 21 -6.33 -0.75 -15.32
C PHE A 21 -7.06 0.46 -14.76
N SER A 22 -7.87 0.21 -13.72
CA SER A 22 -8.60 1.27 -13.04
C SER A 22 -7.88 1.69 -11.76
N PRO A 23 -7.89 2.98 -11.42
CA PRO A 23 -7.18 3.41 -10.20
C PRO A 23 -7.59 2.66 -8.95
N GLU A 24 -8.87 2.29 -8.84
CA GLU A 24 -9.30 1.57 -7.65
C GLU A 24 -8.49 0.29 -7.44
N ASP A 25 -8.24 -0.46 -8.52
CA ASP A 25 -7.57 -1.75 -8.43
C ASP A 25 -6.06 -1.64 -8.38
N ILE A 26 -5.50 -0.46 -8.65
CA ILE A 26 -4.05 -0.28 -8.51
C ILE A 26 -3.70 -0.17 -7.04
N ILE A 27 -2.70 -0.92 -6.62
CA ILE A 27 -2.33 -1.03 -5.20
C ILE A 27 -0.82 -0.93 -5.08
N VAL A 28 -0.36 -0.20 -4.06
CA VAL A 28 1.06 -0.04 -3.77
C VAL A 28 1.29 -0.51 -2.33
N THR A 29 2.07 -1.58 -2.19
CA THR A 29 2.34 -2.20 -0.90
C THR A 29 3.84 -2.15 -0.64
N THR A 30 4.23 -1.58 0.49
CA THR A 30 5.62 -1.38 0.84
C THR A 30 5.95 -2.08 2.15
N SER A 31 7.24 -2.21 2.43
CA SER A 31 7.72 -2.74 3.69
C SER A 31 9.14 -2.21 3.93
N ASN A 32 9.91 -2.92 4.74
CA ASN A 32 11.20 -2.37 5.17
C ASN A 32 12.18 -2.24 4.01
N ASN A 33 12.03 -3.05 2.96
CA ASN A 33 12.98 -2.95 1.85
C ASN A 33 12.41 -3.35 0.50
N HIS A 34 11.08 -3.38 0.34
CA HIS A 34 10.50 -3.70 -0.96
C HIS A 34 9.25 -2.86 -1.18
N ILE A 35 9.03 -2.50 -2.44
CA ILE A 35 7.78 -1.90 -2.89
C ILE A 35 7.10 -2.88 -3.84
N GLU A 36 5.79 -3.02 -3.72
CA GLU A 36 5.03 -3.94 -4.55
C GLU A 36 3.85 -3.19 -5.17
N VAL A 37 3.95 -2.91 -6.46
CA VAL A 37 2.83 -2.37 -7.22
C VAL A 37 2.05 -3.55 -7.80
N ARG A 38 0.73 -3.45 -7.77
CA ARG A 38 -0.13 -4.55 -8.20
C ARG A 38 -1.50 -4.01 -8.61
N ALA A 39 -1.97 -4.46 -9.78
CA ALA A 39 -3.28 -4.08 -10.26
C ALA A 39 -3.96 -5.30 -10.87
N GLU A 40 -5.23 -5.15 -11.16
CA GLU A 40 -5.99 -6.20 -11.83
C GLU A 40 -7.26 -5.61 -12.43
N LYS A 41 -7.49 -5.92 -13.71
CA LYS A 41 -8.66 -5.44 -14.42
C LYS A 41 -9.70 -6.55 -14.49
N LEU A 42 -10.92 -6.25 -14.07
CA LEU A 42 -12.02 -7.20 -14.09
C LEU A 42 -12.92 -6.96 -15.29
N ALA A 43 -13.67 -7.99 -15.66
CA ALA A 43 -14.56 -7.92 -16.81
C ALA A 43 -15.92 -7.38 -16.37
N ALA A 44 -16.90 -7.44 -17.28
CA ALA A 44 -18.24 -6.99 -16.94
C ALA A 44 -18.76 -7.71 -15.70
N ASP A 45 -18.76 -9.04 -15.72
CA ASP A 45 -19.24 -9.80 -14.58
C ASP A 45 -18.38 -9.56 -13.34
N GLY A 46 -17.06 -9.55 -13.52
CA GLY A 46 -16.16 -9.28 -12.42
C GLY A 46 -15.08 -10.32 -12.22
N THR A 47 -14.79 -11.09 -13.27
CA THR A 47 -13.76 -12.11 -13.22
C THR A 47 -12.44 -11.54 -13.70
N VAL A 48 -11.35 -11.93 -13.05
CA VAL A 48 -10.04 -11.35 -13.32
C VAL A 48 -9.60 -11.79 -14.72
N MET A 49 -9.50 -10.83 -15.64
CA MET A 49 -9.04 -11.09 -16.99
C MET A 49 -7.64 -10.53 -17.25
N ASN A 50 -6.99 -9.97 -16.24
CA ASN A 50 -5.73 -9.27 -16.44
C ASN A 50 -5.17 -8.81 -15.09
N THR A 51 -3.94 -9.19 -14.78
CA THR A 51 -3.31 -8.75 -13.54
C THR A 51 -1.80 -8.88 -13.67
N PHE A 52 -1.09 -8.08 -12.88
CA PHE A 52 0.36 -8.12 -12.84
C PHE A 52 0.81 -7.78 -11.42
N ALA A 53 2.11 -7.93 -11.17
CA ALA A 53 2.67 -7.62 -9.86
C ALA A 53 4.14 -7.24 -10.04
N HIS A 54 4.44 -5.96 -9.85
CA HIS A 54 5.80 -5.44 -9.90
C HIS A 54 6.29 -5.28 -8.48
N LYS A 55 7.24 -6.12 -8.08
CA LYS A 55 7.78 -6.11 -6.71
C LYS A 55 9.25 -5.74 -6.77
N SER A 56 9.58 -4.54 -6.27
CA SER A 56 10.94 -4.04 -6.29
C SER A 56 11.65 -4.36 -4.98
N GLN A 57 12.97 -4.15 -4.98
CA GLN A 57 13.85 -4.47 -3.86
C GLN A 57 14.71 -3.24 -3.61
N LEU A 58 14.22 -2.35 -2.75
CA LEU A 58 14.84 -1.04 -2.60
C LEU A 58 16.28 -1.17 -2.12
N PRO A 59 17.16 -0.24 -2.52
CA PRO A 59 18.48 -0.16 -1.89
C PRO A 59 18.36 0.05 -0.38
N GLU A 60 19.50 -0.03 0.30
CA GLU A 60 19.50 0.10 1.75
C GLU A 60 19.37 1.56 2.21
N ASP A 61 19.71 2.52 1.35
CA ASP A 61 19.65 3.93 1.71
C ASP A 61 18.31 4.57 1.38
N VAL A 62 17.41 3.85 0.72
CA VAL A 62 16.10 4.41 0.37
C VAL A 62 15.16 4.21 1.55
N ASP A 63 14.50 5.28 1.96
CA ASP A 63 13.56 5.20 3.08
C ASP A 63 12.21 4.69 2.57
N PRO A 64 11.75 3.52 3.00
CA PRO A 64 10.49 2.98 2.46
C PRO A 64 9.25 3.75 2.90
N THR A 65 9.36 4.60 3.91
CA THR A 65 8.22 5.35 4.43
C THR A 65 8.01 6.68 3.71
N SER A 66 8.83 7.00 2.72
CA SER A 66 8.74 8.25 1.97
C SER A 66 8.24 8.04 0.56
N VAL A 67 7.55 6.93 0.30
CA VAL A 67 7.19 6.55 -1.06
C VAL A 67 5.92 7.30 -1.47
N THR A 68 6.05 8.17 -2.45
CA THR A 68 4.92 8.82 -3.09
C THR A 68 4.69 8.22 -4.46
N SER A 69 3.45 8.31 -4.93
CA SER A 69 3.06 7.69 -6.19
C SER A 69 2.18 8.66 -6.97
N ALA A 70 2.43 8.76 -8.27
CA ALA A 70 1.73 9.69 -9.14
C ALA A 70 1.34 8.99 -10.43
N LEU A 71 0.02 8.84 -10.65
CA LEU A 71 -0.50 8.33 -11.90
C LEU A 71 -0.66 9.48 -12.89
N ARG A 72 -0.24 9.23 -14.13
CA ARG A 72 -0.27 10.26 -15.16
C ARG A 72 -1.22 9.85 -16.27
N GLU A 73 -1.46 10.80 -17.18
CA GLU A 73 -2.48 10.65 -18.21
C GLU A 73 -2.08 9.71 -19.33
N ASP A 74 -0.80 9.37 -19.45
CA ASP A 74 -0.34 8.43 -20.47
C ASP A 74 -0.36 6.99 -20.00
N GLY A 75 -0.96 6.72 -18.84
CA GLY A 75 -1.10 5.36 -18.36
C GLY A 75 0.13 4.78 -17.71
N SER A 76 1.03 5.62 -17.20
CA SER A 76 2.24 5.17 -16.53
C SER A 76 2.20 5.61 -15.07
N LEU A 77 2.58 4.70 -14.18
CA LEU A 77 2.61 4.98 -12.75
C LEU A 77 4.06 5.21 -12.32
N THR A 78 4.28 6.30 -11.59
CA THR A 78 5.62 6.72 -11.18
C THR A 78 5.74 6.55 -9.66
N ILE A 79 6.55 5.59 -9.24
CA ILE A 79 6.89 5.39 -7.84
C ILE A 79 8.10 6.26 -7.51
N ARG A 80 8.12 6.84 -6.32
CA ARG A 80 9.17 7.79 -5.97
C ARG A 80 9.41 7.74 -4.47
N ALA A 81 10.67 7.53 -4.09
CA ALA A 81 11.10 7.52 -2.69
C ALA A 81 12.42 8.27 -2.59
N ARG A 82 12.57 9.02 -1.50
CA ARG A 82 13.80 9.75 -1.24
C ARG A 82 14.79 8.88 -0.46
N ARG A 83 16.07 9.08 -0.76
CA ARG A 83 17.17 8.36 -0.15
C ARG A 83 18.05 9.30 0.65
N HIS A 84 18.53 8.81 1.79
CA HIS A 84 19.55 9.49 2.57
C HIS A 84 20.90 8.87 2.28
N PRO A 85 21.67 9.41 1.33
CA PRO A 85 22.96 8.78 1.01
C PRO A 85 23.99 9.01 2.12
N HIS A 86 24.95 8.09 2.16
CA HIS A 86 25.95 8.12 3.22
C HIS A 86 26.82 9.37 3.12
N THR A 87 27.18 9.90 4.28
CA THR A 87 28.06 11.07 4.34
C THR A 87 29.10 10.91 5.45
N GLY B 1 -5.38 9.79 -15.99
CA GLY B 1 -5.67 11.02 -15.28
C GLY B 1 -4.71 11.27 -14.12
N SER B 2 -4.49 12.55 -13.81
CA SER B 2 -3.58 12.93 -12.74
C SER B 2 -4.34 13.36 -11.48
N LYS B 3 -5.13 14.43 -11.57
CA LYS B 3 -5.79 14.98 -10.40
C LYS B 3 -6.94 14.09 -9.96
N PHE B 4 -6.97 13.73 -8.69
CA PHE B 4 -8.03 12.93 -8.10
C PHE B 4 -8.90 13.79 -7.20
N SER B 5 -10.15 13.37 -7.04
CA SER B 5 -11.10 14.01 -6.14
C SER B 5 -11.39 13.03 -5.01
N SER B 6 -10.72 13.22 -3.88
CA SER B 6 -10.85 12.30 -2.75
C SER B 6 -10.74 13.09 -1.46
N ASP B 7 -10.87 12.38 -0.34
CA ASP B 7 -10.77 13.00 0.99
C ASP B 7 -10.49 11.87 1.98
N ALA B 8 -9.22 11.67 2.30
CA ALA B 8 -8.83 10.54 3.13
C ALA B 8 -9.45 10.59 4.53
N SER B 9 -9.94 11.75 4.95
CA SER B 9 -10.56 11.83 6.27
C SER B 9 -11.82 10.99 6.36
N LYS B 10 -12.45 10.66 5.23
CA LYS B 10 -13.65 9.85 5.21
C LYS B 10 -13.34 8.36 5.16
N VAL B 11 -12.06 7.98 5.03
CA VAL B 11 -11.70 6.58 5.05
C VAL B 11 -11.92 6.00 6.44
N VAL B 12 -12.50 4.80 6.50
CA VAL B 12 -12.77 4.11 7.76
C VAL B 12 -11.89 2.88 7.82
N THR B 13 -11.15 2.74 8.91
CA THR B 13 -10.30 1.58 9.16
C THR B 13 -10.85 0.79 10.34
N ARG B 14 -10.88 -0.54 10.18
CA ARG B 14 -11.41 -1.41 11.22
C ARG B 14 -10.77 -2.78 11.06
N GLY B 15 -10.73 -3.53 12.15
CA GLY B 15 -10.19 -4.87 12.13
C GLY B 15 -9.20 -5.12 13.26
N PRO B 16 -9.05 -6.39 13.66
CA PRO B 16 -8.13 -6.70 14.76
C PRO B 16 -6.66 -6.49 14.42
N GLY B 17 -6.32 -6.49 13.13
CA GLY B 17 -4.94 -6.22 12.74
C GLY B 17 -4.47 -4.81 13.00
N LEU B 18 -5.41 -3.89 13.26
CA LEU B 18 -5.00 -2.52 13.57
C LEU B 18 -4.40 -2.41 14.97
N SER B 19 -4.77 -3.32 15.87
CA SER B 19 -4.39 -3.21 17.27
C SER B 19 -3.61 -4.39 17.80
N GLN B 20 -3.60 -5.53 17.11
CA GLN B 20 -2.92 -6.73 17.58
C GLN B 20 -2.21 -7.41 16.43
N ALA B 21 -1.03 -7.96 16.70
CA ALA B 21 -0.24 -8.67 15.71
C ALA B 21 0.49 -9.81 16.40
N PHE B 22 0.47 -10.98 15.77
CA PHE B 22 1.09 -12.18 16.33
C PHE B 22 1.87 -12.91 15.26
N VAL B 23 2.98 -13.51 15.68
CA VAL B 23 3.77 -14.33 14.78
C VAL B 23 3.05 -15.63 14.49
N GLY B 24 3.06 -16.06 13.24
CA GLY B 24 2.42 -17.29 12.84
C GLY B 24 0.96 -17.17 12.48
N GLN B 25 0.36 -16.00 12.68
CA GLN B 25 -1.02 -15.75 12.30
C GLN B 25 -1.07 -14.84 11.08
N LYS B 26 -2.23 -14.80 10.44
CA LYS B 26 -2.53 -13.82 9.41
C LYS B 26 -3.29 -12.68 10.06
N ASN B 27 -2.68 -11.49 10.06
CA ASN B 27 -3.27 -10.30 10.66
C ASN B 27 -4.00 -9.51 9.58
N SER B 28 -5.27 -9.21 9.81
CA SER B 28 -6.14 -8.63 8.79
C SER B 28 -6.86 -7.40 9.33
N PHE B 29 -7.03 -6.41 8.45
CA PHE B 29 -7.90 -5.28 8.71
C PHE B 29 -8.46 -4.79 7.38
N THR B 30 -9.42 -3.88 7.46
CA THR B 30 -10.14 -3.39 6.29
C THR B 30 -10.02 -1.88 6.19
N VAL B 31 -9.99 -1.38 4.96
CA VAL B 31 -9.89 0.05 4.67
C VAL B 31 -11.06 0.40 3.77
N ASP B 32 -12.04 1.12 4.33
CA ASP B 32 -13.28 1.44 3.64
C ASP B 32 -13.19 2.85 3.08
N CYS B 33 -12.82 2.95 1.81
CA CYS B 33 -12.69 4.23 1.13
C CYS B 33 -13.92 4.60 0.31
N SER B 34 -14.99 3.82 0.42
CA SER B 34 -16.17 4.03 -0.42
C SER B 34 -16.62 5.49 -0.39
N LYS B 35 -16.76 6.05 0.81
CA LYS B 35 -17.23 7.42 0.99
C LYS B 35 -16.10 8.44 0.90
N ALA B 36 -14.95 8.05 0.35
CA ALA B 36 -13.78 8.92 0.28
C ALA B 36 -13.41 9.23 -1.17
N GLY B 37 -14.40 9.32 -2.05
CA GLY B 37 -14.09 9.63 -3.44
C GLY B 37 -13.35 8.50 -4.11
N THR B 38 -12.41 8.86 -4.98
CA THR B 38 -11.64 7.90 -5.76
C THR B 38 -10.19 8.31 -5.79
N ASN B 39 -9.30 7.34 -5.59
CA ASN B 39 -7.86 7.57 -5.57
C ASN B 39 -7.19 6.20 -5.47
N MET B 40 -5.86 6.21 -5.51
CA MET B 40 -5.09 4.98 -5.35
C MET B 40 -4.79 4.76 -3.87
N MET B 41 -4.79 3.49 -3.46
CA MET B 41 -4.64 3.12 -2.06
C MET B 41 -3.26 2.52 -1.83
N MET B 42 -2.66 2.86 -0.69
CA MET B 42 -1.31 2.46 -0.35
C MET B 42 -1.26 2.02 1.10
N VAL B 43 -0.58 0.90 1.36
CA VAL B 43 -0.41 0.38 2.72
C VAL B 43 1.01 -0.10 2.87
N GLY B 44 1.68 0.34 3.92
CA GLY B 44 3.01 -0.13 4.23
C GLY B 44 3.09 -0.63 5.66
N VAL B 45 3.87 -1.68 5.86
CA VAL B 45 4.08 -2.29 7.17
C VAL B 45 5.58 -2.35 7.41
N HIS B 46 6.05 -1.66 8.44
CA HIS B 46 7.49 -1.51 8.70
C HIS B 46 7.79 -1.85 10.14
N GLY B 47 8.40 -3.02 10.36
CA GLY B 47 8.90 -3.39 11.65
C GLY B 47 10.40 -3.17 11.73
N PRO B 48 11.01 -3.59 12.84
CA PRO B 48 12.47 -3.48 12.96
C PRO B 48 13.18 -4.65 12.29
N LYS B 49 14.31 -4.35 11.65
CA LYS B 49 15.14 -5.35 11.00
C LYS B 49 14.30 -6.01 9.91
N THR B 50 13.94 -7.29 10.02
CA THR B 50 13.52 -8.03 8.84
C THR B 50 12.17 -7.54 8.38
N PRO B 51 11.85 -7.64 7.11
CA PRO B 51 10.52 -7.17 6.72
C PRO B 51 9.44 -8.20 7.01
N CYS B 52 8.23 -7.72 7.23
CA CYS B 52 7.08 -8.61 7.32
C CYS B 52 7.03 -9.53 6.12
N GLU B 53 7.00 -10.84 6.38
CA GLU B 53 7.33 -11.77 5.31
C GLU B 53 6.42 -11.56 4.11
N GLU B 54 5.12 -11.33 4.34
CA GLU B 54 4.18 -11.09 3.24
C GLU B 54 3.22 -9.97 3.61
N VAL B 55 2.90 -9.13 2.63
CA VAL B 55 1.88 -8.11 2.75
C VAL B 55 1.01 -8.16 1.51
N TYR B 56 -0.30 -8.25 1.71
CA TYR B 56 -1.23 -8.41 0.59
C TYR B 56 -2.47 -7.55 0.83
N VAL B 57 -2.86 -6.79 -0.19
CA VAL B 57 -4.03 -5.92 -0.15
C VAL B 57 -4.92 -6.30 -1.32
N LYS B 58 -6.16 -6.69 -1.02
CA LYS B 58 -7.10 -7.13 -2.04
C LYS B 58 -8.24 -6.13 -2.14
N HIS B 59 -8.48 -5.64 -3.36
CA HIS B 59 -9.60 -4.75 -3.62
C HIS B 59 -10.89 -5.58 -3.64
N MET B 60 -11.70 -5.44 -2.59
CA MET B 60 -12.95 -6.18 -2.50
C MET B 60 -14.07 -5.55 -3.31
N GLY B 61 -13.84 -4.38 -3.90
CA GLY B 61 -14.86 -3.66 -4.62
C GLY B 61 -15.36 -2.44 -3.85
N ASN B 62 -15.89 -1.49 -4.61
CA ASN B 62 -16.35 -0.22 -4.03
C ASN B 62 -15.26 0.45 -3.22
N ARG B 63 -14.02 0.30 -3.68
CA ARG B 63 -12.85 0.90 -3.02
C ARG B 63 -12.76 0.46 -1.55
N VAL B 64 -13.14 -0.80 -1.30
CA VAL B 64 -12.96 -1.44 -0.01
C VAL B 64 -11.83 -2.45 -0.15
N TYR B 65 -10.86 -2.38 0.76
CA TYR B 65 -9.64 -3.17 0.67
C TYR B 65 -9.44 -4.01 1.92
N ASN B 66 -9.05 -5.27 1.71
CA ASN B 66 -8.76 -6.21 2.78
C ASN B 66 -7.25 -6.41 2.83
N VAL B 67 -6.62 -5.91 3.89
CA VAL B 67 -5.18 -6.00 4.05
C VAL B 67 -4.84 -7.23 4.90
N THR B 68 -3.70 -7.85 4.59
CA THR B 68 -3.23 -9.00 5.35
C THR B 68 -1.71 -8.97 5.39
N TYR B 69 -1.14 -9.15 6.58
CA TYR B 69 0.30 -9.10 6.77
C TYR B 69 0.70 -10.11 7.83
N THR B 70 1.93 -10.62 7.71
CA THR B 70 2.51 -11.54 8.67
C THR B 70 3.76 -10.90 9.28
N VAL B 71 4.12 -11.36 10.47
CA VAL B 71 5.30 -10.83 11.16
C VAL B 71 6.18 -11.99 11.58
N LYS B 72 7.47 -11.71 11.74
CA LYS B 72 8.48 -12.73 12.01
C LYS B 72 9.10 -12.61 13.40
N GLU B 73 9.53 -11.40 13.78
CA GLU B 73 10.31 -11.19 14.99
C GLU B 73 9.59 -10.22 15.91
N LYS B 74 10.02 -10.19 17.18
CA LYS B 74 9.48 -9.23 18.12
C LYS B 74 9.86 -7.81 17.71
N GLY B 75 9.00 -6.87 18.04
CA GLY B 75 9.31 -5.46 17.86
C GLY B 75 8.05 -4.65 17.69
N ASP B 76 8.26 -3.34 17.53
CA ASP B 76 7.18 -2.41 17.24
C ASP B 76 7.04 -2.31 15.72
N TYR B 77 5.91 -2.79 15.20
CA TYR B 77 5.58 -2.66 13.80
C TYR B 77 4.67 -1.45 13.60
N ILE B 78 4.91 -0.70 12.53
CA ILE B 78 4.13 0.48 12.19
C ILE B 78 3.31 0.17 10.96
N LEU B 79 2.04 0.55 10.99
CA LEU B 79 1.12 0.34 9.86
C LEU B 79 0.77 1.71 9.28
N ILE B 80 1.05 1.90 7.99
CA ILE B 80 0.77 3.15 7.29
C ILE B 80 -0.34 2.88 6.28
N VAL B 81 -1.33 3.78 6.22
CA VAL B 81 -2.44 3.65 5.28
C VAL B 81 -2.73 5.04 4.73
N LYS B 82 -2.63 5.20 3.40
CA LYS B 82 -2.81 6.49 2.74
C LYS B 82 -3.74 6.33 1.57
N TRP B 83 -4.71 7.25 1.46
CA TRP B 83 -5.67 7.32 0.36
C TRP B 83 -5.27 8.54 -0.48
N GLY B 84 -4.48 8.29 -1.51
CA GLY B 84 -3.79 9.37 -2.20
C GLY B 84 -2.46 9.62 -1.55
N ASP B 85 -2.20 10.87 -1.20
CA ASP B 85 -1.06 11.21 -0.36
C ASP B 85 -1.45 11.41 1.10
N GLU B 86 -2.72 11.68 1.38
CA GLU B 86 -3.17 11.87 2.75
C GLU B 86 -3.08 10.56 3.52
N SER B 87 -2.78 10.68 4.82
CA SER B 87 -2.84 9.56 5.74
C SER B 87 -4.26 9.45 6.31
N VAL B 88 -4.79 8.24 6.33
CA VAL B 88 -6.16 8.02 6.81
C VAL B 88 -6.19 8.16 8.33
N PRO B 89 -7.36 8.40 8.93
CA PRO B 89 -7.40 8.58 10.39
C PRO B 89 -6.80 7.37 11.12
N GLY B 90 -6.05 7.67 12.18
CA GLY B 90 -5.38 6.67 12.97
C GLY B 90 -3.97 6.33 12.51
N SER B 91 -3.69 6.50 11.23
CA SER B 91 -2.37 6.18 10.71
C SER B 91 -1.41 7.33 11.03
N PRO B 92 -0.13 7.01 11.32
CA PRO B 92 0.41 5.64 11.38
C PRO B 92 -0.05 4.86 12.62
N PHE B 93 -0.64 3.69 12.42
CA PHE B 93 -0.99 2.80 13.51
C PHE B 93 0.26 2.12 14.06
N LYS B 94 0.26 1.87 15.36
CA LYS B 94 1.40 1.27 16.04
C LYS B 94 0.92 0.04 16.80
N VAL B 95 1.59 -1.08 16.60
CA VAL B 95 1.24 -2.34 17.26
C VAL B 95 2.53 -3.09 17.58
N LYS B 96 2.64 -3.61 18.80
CA LYS B 96 3.80 -4.35 19.26
C LYS B 96 3.50 -5.84 19.23
N VAL B 97 4.48 -6.62 18.78
CA VAL B 97 4.33 -8.07 18.61
C VAL B 97 5.05 -8.76 19.76
N PRO B 98 4.39 -9.68 20.49
CA PRO B 98 5.08 -10.38 21.58
C PRO B 98 6.26 -11.22 21.08
#